data_6LVR
#
_entry.id   6LVR
#
_cell.length_a   84.480
_cell.length_b   131.701
_cell.length_c   155.556
_cell.angle_alpha   90.000
_cell.angle_beta   90.000
_cell.angle_gamma   90.000
#
_symmetry.space_group_name_H-M   'P 21 21 2'
#
loop_
_entity.id
_entity.type
_entity.pdbx_description
1 polymer 'Proteinaceous RNase P 1, chloroplastic/mitochondrial'
2 polymer 'yeast phenylalanine tRNA'
3 water water
#
loop_
_entity_poly.entity_id
_entity_poly.type
_entity_poly.pdbx_seq_one_letter_code
_entity_poly.pdbx_strand_id
1 'polypeptide(L)'
;SSRKAKKKAIQQSPEALLKQKLDMCSKKGDVLEALRLYDEARRNGVQLSQYHYNVLLYVCSLASASSNPGLSRGFDIFKQ
MIVDKVVPNEATFTNGARLAVAKDDPEMAFDMVKQMKAFGIQPRLRSYGPALFGFCRKGDADKAYEVDAHMVESEVVPEE
PELAALLKVSMDTKNADKVNKTLQRLRDLVRQVSKSTQDMIEEWQKSE
;
C,A
2 'polyribonucleotide'
;GCGGAUUUA(2MG)CUCAG(H2U)(H2U)GGGAGAGC(M2G)CCAGA(OMC)U(OMG)AA(YYG)A(PSU)(5MC)UGGA
G(7MG)UC(5MC)UGUG(5MU)(PSU)CG(1MA)UCCACAGAAUUCGCACCA
;
D,B
#
# COMPACT_ATOMS: atom_id res chain seq x y z
N GLN A 12 5.27 22.88 20.47
CA GLN A 12 4.70 22.32 19.25
C GLN A 12 3.66 21.26 19.58
N SER A 13 2.51 21.35 18.91
CA SER A 13 1.40 20.45 19.18
C SER A 13 1.69 19.05 18.65
N PRO A 14 1.21 18.00 19.34
CA PRO A 14 1.35 16.64 18.80
C PRO A 14 0.57 16.42 17.51
N GLU A 15 -0.49 17.20 17.28
CA GLU A 15 -1.21 17.11 16.02
C GLU A 15 -0.37 17.67 14.88
N ALA A 16 0.41 18.73 15.15
CA ALA A 16 1.31 19.26 14.13
C ALA A 16 2.50 18.33 13.92
N LEU A 17 3.05 17.79 15.01
CA LEU A 17 4.16 16.86 14.90
C LEU A 17 3.78 15.63 14.06
N LEU A 18 2.52 15.21 14.16
CA LEU A 18 2.07 14.05 13.39
C LEU A 18 2.01 14.37 11.90
N LYS A 19 1.56 15.58 11.55
CA LYS A 19 1.43 15.94 10.14
C LYS A 19 2.79 15.96 9.44
N GLN A 20 3.80 16.55 10.09
CA GLN A 20 5.13 16.64 9.49
C GLN A 20 5.68 15.26 9.15
N LYS A 21 5.60 14.33 10.10
CA LYS A 21 6.16 13.01 9.85
C LYS A 21 5.26 12.18 8.94
N LEU A 22 3.96 12.46 8.95
CA LEU A 22 3.08 11.87 7.94
C LEU A 22 3.38 12.40 6.54
N ASP A 23 3.81 13.68 6.46
CA ASP A 23 4.17 14.25 5.17
C ASP A 23 5.35 13.52 4.55
N MET A 24 6.37 13.22 5.35
CA MET A 24 7.54 12.52 4.83
C MET A 24 7.21 11.09 4.43
N CYS A 25 6.23 10.47 5.09
CA CYS A 25 5.79 9.14 4.69
C CYS A 25 5.25 9.15 3.27
N SER A 26 4.39 10.12 2.96
CA SER A 26 3.88 10.23 1.59
C SER A 26 4.98 10.63 0.62
N LYS A 27 5.94 11.44 1.07
CA LYS A 27 7.04 11.84 0.20
C LYS A 27 7.93 10.66 -0.16
N LYS A 28 8.13 9.73 0.78
CA LYS A 28 9.03 8.62 0.58
C LYS A 28 8.33 7.32 0.21
N GLY A 29 7.06 7.18 0.58
CA GLY A 29 6.35 5.93 0.37
C GLY A 29 6.34 5.00 1.56
N ASP A 30 6.77 5.46 2.73
CA ASP A 30 6.82 4.62 3.92
C ASP A 30 5.43 4.26 4.41
N VAL A 31 4.86 3.18 3.85
CA VAL A 31 3.54 2.74 4.26
C VAL A 31 3.56 2.25 5.70
N LEU A 32 4.61 1.54 6.10
CA LEU A 32 4.67 0.98 7.44
C LEU A 32 4.78 2.07 8.49
N GLU A 33 5.60 3.09 8.24
CA GLU A 33 5.71 4.20 9.20
C GLU A 33 4.42 5.02 9.24
N ALA A 34 3.73 5.13 8.11
CA ALA A 34 2.44 5.81 8.11
C ALA A 34 1.40 5.02 8.91
N LEU A 35 1.38 3.70 8.74
CA LEU A 35 0.44 2.87 9.49
C LEU A 35 0.79 2.86 10.98
N ARG A 36 2.08 2.88 11.31
CA ARG A 36 2.48 2.86 12.72
C ARG A 36 2.20 4.19 13.39
N LEU A 37 2.55 5.30 12.71
CA LEU A 37 2.27 6.63 13.26
C LEU A 37 0.80 6.84 13.52
N TYR A 38 -0.06 6.21 12.72
CA TYR A 38 -1.51 6.39 12.87
C TYR A 38 -2.04 5.63 14.08
N ASP A 39 -1.58 4.40 14.29
CA ASP A 39 -2.00 3.67 15.48
C ASP A 39 -1.42 4.29 16.75
N GLU A 40 -0.17 4.75 16.69
CA GLU A 40 0.41 5.47 17.82
C GLU A 40 -0.38 6.75 18.10
N ALA A 41 -0.79 7.46 17.05
CA ALA A 41 -1.61 8.65 17.24
C ALA A 41 -2.98 8.30 17.78
N ARG A 42 -3.50 7.12 17.46
CA ARG A 42 -4.83 6.73 17.93
C ARG A 42 -4.78 6.22 19.35
N ARG A 43 -3.71 5.52 19.73
CA ARG A 43 -3.58 5.04 21.10
C ARG A 43 -3.52 6.22 22.07
N ASN A 44 -2.73 7.24 21.75
CA ASN A 44 -2.56 8.40 22.60
C ASN A 44 -3.69 9.42 22.45
N GLY A 45 -4.72 9.10 21.67
CA GLY A 45 -5.84 10.01 21.52
C GLY A 45 -5.52 11.29 20.79
N VAL A 46 -4.55 11.26 19.88
CA VAL A 46 -4.24 12.45 19.08
C VAL A 46 -5.36 12.67 18.07
N GLN A 47 -5.77 13.94 17.92
CA GLN A 47 -6.85 14.27 17.00
C GLN A 47 -6.37 14.15 15.56
N LEU A 48 -7.03 13.29 14.78
CA LEU A 48 -6.65 13.04 13.40
C LEU A 48 -7.44 13.97 12.48
N SER A 49 -6.71 14.74 11.67
CA SER A 49 -7.33 15.69 10.77
C SER A 49 -7.73 15.01 9.45
N GLN A 50 -8.55 15.72 8.66
CA GLN A 50 -8.82 15.27 7.31
C GLN A 50 -7.54 15.19 6.48
N TYR A 51 -6.61 16.12 6.72
CA TYR A 51 -5.32 16.05 6.06
C TYR A 51 -4.57 14.77 6.41
N HIS A 52 -4.57 14.40 7.70
CA HIS A 52 -3.88 13.18 8.12
C HIS A 52 -4.49 11.95 7.46
N TYR A 53 -5.82 11.88 7.41
CA TYR A 53 -6.48 10.68 6.88
C TYR A 53 -6.24 10.52 5.39
N ASN A 54 -6.18 11.62 4.65
CA ASN A 54 -6.03 11.52 3.20
C ASN A 54 -4.59 11.19 2.81
N VAL A 55 -3.61 11.78 3.50
CA VAL A 55 -2.23 11.35 3.35
C VAL A 55 -2.11 9.87 3.69
N LEU A 56 -2.88 9.40 4.68
CA LEU A 56 -2.86 8.01 5.07
C LEU A 56 -3.42 7.12 3.97
N LEU A 57 -4.64 7.42 3.50
CA LEU A 57 -5.25 6.64 2.43
C LEU A 57 -4.48 6.75 1.12
N TYR A 58 -3.63 7.78 0.98
CA TYR A 58 -2.83 7.90 -0.22
C TYR A 58 -1.70 6.87 -0.24
N VAL A 59 -0.97 6.76 0.87
CA VAL A 59 0.15 5.82 0.91
C VAL A 59 -0.37 4.38 0.92
N CYS A 60 -1.58 4.16 1.42
CA CYS A 60 -2.17 2.82 1.37
C CYS A 60 -2.61 2.45 -0.04
N SER A 61 -2.88 3.43 -0.89
CA SER A 61 -3.35 3.19 -2.26
C SER A 61 -2.22 3.08 -3.26
N LEU A 62 -0.98 3.36 -2.87
CA LEU A 62 0.15 3.20 -3.77
C LEU A 62 0.24 1.75 -4.24
N ALA A 63 0.45 1.58 -5.54
CA ALA A 63 0.42 0.26 -6.16
C ALA A 63 1.78 -0.07 -6.78
N SER A 64 2.20 -1.31 -6.61
CA SER A 64 3.43 -1.81 -7.20
C SER A 64 3.49 -3.33 -7.13
N SER A 67 2.87 -5.71 -4.37
CA SER A 67 2.03 -5.96 -3.20
C SER A 67 2.24 -4.89 -2.14
N ASN A 68 1.15 -4.51 -1.48
CA ASN A 68 1.17 -3.44 -0.48
C ASN A 68 0.70 -3.97 0.88
N PRO A 69 1.40 -3.62 1.96
CA PRO A 69 0.90 -4.01 3.28
C PRO A 69 -0.31 -3.20 3.72
N GLY A 70 -0.35 -1.91 3.39
CA GLY A 70 -1.45 -1.04 3.77
C GLY A 70 -2.69 -1.14 2.92
N LEU A 71 -2.75 -2.11 2.00
CA LEU A 71 -3.93 -2.27 1.16
C LEU A 71 -5.13 -2.70 1.99
N SER A 72 -4.97 -3.72 2.83
CA SER A 72 -6.08 -4.16 3.67
C SER A 72 -6.39 -3.14 4.76
N ARG A 73 -5.36 -2.47 5.29
CA ARG A 73 -5.58 -1.48 6.34
C ARG A 73 -6.29 -0.24 5.81
N GLY A 74 -6.25 0.00 4.50
CA GLY A 74 -6.82 1.23 3.95
C GLY A 74 -8.29 1.40 4.23
N PHE A 75 -9.04 0.30 4.25
CA PHE A 75 -10.47 0.39 4.55
C PHE A 75 -10.72 0.42 6.05
N ASP A 76 -9.86 -0.22 6.84
CA ASP A 76 -9.94 -0.06 8.29
C ASP A 76 -9.77 1.40 8.68
N ILE A 77 -8.80 2.09 8.07
CA ILE A 77 -8.63 3.51 8.32
C ILE A 77 -9.82 4.30 7.78
N PHE A 78 -10.36 3.87 6.63
CA PHE A 78 -11.51 4.55 6.04
C PHE A 78 -12.72 4.47 6.97
N LYS A 79 -13.02 3.28 7.49
CA LYS A 79 -14.14 3.13 8.41
C LYS A 79 -13.93 3.93 9.69
N GLN A 80 -12.68 4.19 10.06
CA GLN A 80 -12.41 4.91 11.30
C GLN A 80 -12.71 6.40 11.18
N MET A 81 -12.50 6.99 10.00
CA MET A 81 -12.72 8.42 9.85
C MET A 81 -14.19 8.76 9.76
N ILE A 82 -15.01 7.88 9.21
CA ILE A 82 -16.43 8.17 9.16
C ILE A 82 -17.08 7.98 10.53
N VAL A 83 -16.60 7.01 11.32
CA VAL A 83 -17.10 6.88 12.69
C VAL A 83 -16.50 7.97 13.58
N ASP A 84 -15.31 8.47 13.26
CA ASP A 84 -14.80 9.68 13.90
C ASP A 84 -15.51 10.93 13.40
N LYS A 85 -16.25 10.82 12.29
CA LYS A 85 -17.06 11.92 11.76
C LYS A 85 -16.20 13.13 11.41
N VAL A 86 -15.03 12.88 10.81
CA VAL A 86 -14.27 13.94 10.17
C VAL A 86 -14.75 14.06 8.73
N VAL A 87 -14.94 15.28 8.26
CA VAL A 87 -15.63 15.46 6.97
C VAL A 87 -14.71 15.06 5.83
N PRO A 88 -15.17 14.28 4.86
CA PRO A 88 -14.29 13.86 3.77
C PRO A 88 -14.13 14.95 2.71
N ASN A 89 -13.02 14.86 1.98
CA ASN A 89 -12.69 15.76 0.89
C ASN A 89 -13.05 15.09 -0.43
N GLU A 90 -12.63 15.70 -1.54
CA GLU A 90 -12.69 15.00 -2.82
C GLU A 90 -11.59 13.95 -2.90
N ALA A 91 -10.40 14.28 -2.41
CA ALA A 91 -9.30 13.32 -2.38
C ALA A 91 -9.59 12.14 -1.47
N THR A 92 -10.55 12.28 -0.55
CA THR A 92 -10.92 11.17 0.31
C THR A 92 -11.56 10.04 -0.48
N PHE A 93 -12.60 10.34 -1.26
CA PHE A 93 -13.24 9.32 -2.06
C PHE A 93 -12.41 8.94 -3.28
N THR A 94 -11.54 9.83 -3.75
CA THR A 94 -10.61 9.46 -4.81
C THR A 94 -9.62 8.41 -4.33
N ASN A 95 -8.91 8.70 -3.23
CA ASN A 95 -8.00 7.72 -2.65
C ASN A 95 -8.75 6.48 -2.16
N GLY A 96 -10.00 6.64 -1.75
CA GLY A 96 -10.79 5.47 -1.42
C GLY A 96 -11.09 4.63 -2.63
N ALA A 97 -11.34 5.27 -3.78
CA ALA A 97 -11.60 4.53 -5.01
C ALA A 97 -10.37 3.80 -5.49
N ARG A 98 -9.18 4.41 -5.31
CA ARG A 98 -7.94 3.72 -5.64
C ARG A 98 -7.81 2.43 -4.82
N LEU A 99 -8.21 2.47 -3.54
CA LEU A 99 -8.21 1.27 -2.72
C LEU A 99 -9.13 0.21 -3.30
N ALA A 100 -10.33 0.62 -3.75
CA ALA A 100 -11.31 -0.34 -4.22
C ALA A 100 -10.82 -1.07 -5.47
N VAL A 101 -10.13 -0.36 -6.37
CA VAL A 101 -9.68 -0.98 -7.60
C VAL A 101 -8.45 -1.86 -7.38
N ALA A 102 -7.71 -1.64 -6.29
CA ALA A 102 -6.59 -2.51 -5.97
C ALA A 102 -7.05 -3.89 -5.50
N LYS A 103 -8.27 -3.98 -4.96
CA LYS A 103 -8.87 -5.25 -4.62
C LYS A 103 -9.72 -5.81 -5.76
N ASP A 104 -9.51 -5.32 -6.98
CA ASP A 104 -10.20 -5.81 -8.18
C ASP A 104 -11.72 -5.66 -8.05
N ASP A 105 -12.16 -4.49 -7.63
CA ASP A 105 -13.58 -4.14 -7.54
C ASP A 105 -13.77 -2.77 -8.17
N PRO A 106 -13.83 -2.70 -9.50
CA PRO A 106 -14.12 -1.41 -10.14
C PRO A 106 -15.51 -0.89 -9.83
N GLU A 107 -16.46 -1.78 -9.56
CA GLU A 107 -17.81 -1.33 -9.21
C GLU A 107 -17.81 -0.54 -7.92
N MET A 108 -16.98 -0.93 -6.94
CA MET A 108 -16.89 -0.17 -5.71
C MET A 108 -16.24 1.18 -5.95
N ALA A 109 -15.17 1.22 -6.74
CA ALA A 109 -14.56 2.49 -7.09
C ALA A 109 -15.56 3.41 -7.78
N PHE A 110 -16.44 2.84 -8.60
CA PHE A 110 -17.55 3.61 -9.15
C PHE A 110 -18.56 3.99 -8.08
N ASP A 111 -18.72 3.15 -7.05
CA ASP A 111 -19.63 3.51 -5.96
C ASP A 111 -19.05 4.61 -5.10
N MET A 112 -17.73 4.74 -5.05
CA MET A 112 -17.11 5.81 -4.27
C MET A 112 -17.34 7.17 -4.94
N VAL A 113 -17.31 7.23 -6.26
CA VAL A 113 -17.58 8.50 -6.94
C VAL A 113 -19.08 8.80 -6.98
N LYS A 114 -19.93 7.81 -6.72
CA LYS A 114 -21.35 8.09 -6.55
C LYS A 114 -21.66 8.64 -5.16
N GLN A 115 -20.84 8.30 -4.17
CA GLN A 115 -21.09 8.78 -2.80
C GLN A 115 -20.69 10.24 -2.66
N MET A 116 -19.59 10.67 -3.31
CA MET A 116 -19.12 12.04 -3.13
C MET A 116 -20.16 13.05 -3.60
N LYS A 117 -20.91 12.70 -4.65
CA LYS A 117 -21.93 13.63 -5.16
C LYS A 117 -23.08 13.78 -4.18
N ALA A 118 -23.34 12.75 -3.36
CA ALA A 118 -24.34 12.86 -2.31
C ALA A 118 -23.88 13.72 -1.15
N PHE A 119 -22.58 13.97 -1.04
CA PHE A 119 -22.02 14.84 -0.01
C PHE A 119 -21.80 16.26 -0.49
N GLY A 120 -22.23 16.57 -1.72
CA GLY A 120 -21.96 17.88 -2.28
C GLY A 120 -20.54 18.07 -2.76
N ILE A 121 -19.79 16.99 -2.96
CA ILE A 121 -18.42 17.06 -3.43
C ILE A 121 -18.40 16.93 -4.94
N GLN A 122 -17.75 17.88 -5.60
CA GLN A 122 -17.64 17.84 -7.06
C GLN A 122 -16.47 16.95 -7.46
N PRO A 123 -16.69 15.89 -8.23
CA PRO A 123 -15.57 15.03 -8.64
C PRO A 123 -14.65 15.76 -9.62
N ARG A 124 -13.42 15.28 -9.65
CA ARG A 124 -12.42 15.74 -10.61
C ARG A 124 -12.03 14.58 -11.50
N LEU A 125 -11.25 14.88 -12.54
CA LEU A 125 -10.90 13.87 -13.52
C LEU A 125 -10.20 12.69 -12.88
N ARG A 126 -9.33 12.96 -11.90
CA ARG A 126 -8.59 11.90 -11.23
C ARG A 126 -9.48 11.00 -10.38
N SER A 127 -10.72 11.41 -10.11
CA SER A 127 -11.63 10.58 -9.33
C SER A 127 -12.20 9.43 -10.15
N TYR A 128 -12.39 9.61 -11.45
CA TYR A 128 -12.98 8.58 -12.29
C TYR A 128 -11.94 7.59 -12.81
N GLY A 129 -10.65 7.91 -12.69
CA GLY A 129 -9.59 7.05 -13.15
C GLY A 129 -9.70 5.60 -12.72
N PRO A 130 -9.74 5.36 -11.40
CA PRO A 130 -9.77 3.96 -10.92
C PRO A 130 -10.93 3.15 -11.46
N ALA A 131 -12.15 3.72 -11.50
CA ALA A 131 -13.29 2.96 -11.98
C ALA A 131 -13.25 2.79 -13.49
N LEU A 132 -12.99 3.87 -14.23
CA LEU A 132 -12.99 3.81 -15.68
C LEU A 132 -11.91 2.85 -16.19
N PHE A 133 -10.67 3.03 -15.73
CA PHE A 133 -9.59 2.16 -16.17
C PHE A 133 -9.80 0.73 -15.70
N GLY A 134 -10.37 0.56 -14.49
CA GLY A 134 -10.63 -0.78 -14.00
C GLY A 134 -11.66 -1.53 -14.82
N PHE A 135 -12.73 -0.84 -15.22
CA PHE A 135 -13.75 -1.48 -16.04
C PHE A 135 -13.24 -1.78 -17.44
N CYS A 136 -12.29 -0.98 -17.94
CA CYS A 136 -11.75 -1.24 -19.27
C CYS A 136 -10.81 -2.43 -19.27
N ARG A 137 -10.01 -2.59 -18.21
CA ARG A 137 -9.15 -3.76 -18.10
C ARG A 137 -9.97 -5.04 -17.97
N LYS A 138 -11.07 -4.98 -17.21
CA LYS A 138 -11.95 -6.13 -17.07
C LYS A 138 -12.63 -6.51 -18.39
N GLY A 139 -12.73 -5.56 -19.33
CA GLY A 139 -13.38 -5.82 -20.60
C GLY A 139 -14.83 -5.41 -20.66
N ASP A 140 -15.46 -5.10 -19.53
CA ASP A 140 -16.86 -4.73 -19.49
C ASP A 140 -17.02 -3.32 -20.04
N ALA A 141 -17.37 -3.21 -21.31
CA ALA A 141 -17.55 -1.90 -21.93
C ALA A 141 -18.85 -1.23 -21.47
N ASP A 142 -19.89 -2.03 -21.20
CA ASP A 142 -21.17 -1.46 -20.79
C ASP A 142 -21.04 -0.68 -19.48
N LYS A 143 -20.19 -1.16 -18.57
CA LYS A 143 -19.95 -0.42 -17.35
C LYS A 143 -18.98 0.72 -17.56
N ALA A 144 -18.07 0.60 -18.53
CA ALA A 144 -17.18 1.70 -18.86
C ALA A 144 -17.97 2.91 -19.36
N TYR A 145 -18.95 2.68 -20.23
CA TYR A 145 -19.81 3.75 -20.68
C TYR A 145 -20.63 4.34 -19.54
N GLU A 146 -21.03 3.51 -18.58
CA GLU A 146 -21.77 4.00 -17.42
C GLU A 146 -20.94 5.00 -16.62
N VAL A 147 -19.63 4.75 -16.52
CA VAL A 147 -18.76 5.72 -15.87
C VAL A 147 -18.65 6.99 -16.69
N ASP A 148 -18.39 6.84 -18.00
CA ASP A 148 -18.23 8.00 -18.87
C ASP A 148 -19.47 8.88 -18.87
N ALA A 149 -20.65 8.26 -18.91
CA ALA A 149 -21.89 9.03 -18.83
C ALA A 149 -21.97 9.79 -17.52
N HIS A 150 -21.47 9.19 -16.43
CA HIS A 150 -21.47 9.88 -15.15
C HIS A 150 -20.56 11.11 -15.19
N MET A 151 -19.44 11.03 -15.92
CA MET A 151 -18.54 12.17 -16.01
C MET A 151 -19.19 13.34 -16.74
N VAL A 152 -19.80 13.08 -17.91
CA VAL A 152 -20.37 14.16 -18.70
C VAL A 152 -21.52 14.82 -17.96
N GLU A 153 -22.20 14.09 -17.07
CA GLU A 153 -23.22 14.71 -16.22
C GLU A 153 -22.58 15.49 -15.08
N SER A 154 -21.41 15.06 -14.63
CA SER A 154 -20.65 15.80 -13.62
C SER A 154 -19.87 16.97 -14.21
N GLU A 155 -20.00 17.22 -15.52
CA GLU A 155 -19.27 18.28 -16.21
C GLU A 155 -17.77 18.13 -16.03
N VAL A 156 -17.30 16.88 -16.03
CA VAL A 156 -15.88 16.54 -16.00
C VAL A 156 -15.50 16.05 -17.38
N VAL A 157 -14.64 16.81 -18.06
CA VAL A 157 -14.28 16.45 -19.42
C VAL A 157 -13.02 15.60 -19.39
N PRO A 158 -12.94 14.54 -20.19
CA PRO A 158 -11.78 13.65 -20.13
C PRO A 158 -10.63 14.18 -20.98
N GLU A 159 -9.53 13.44 -20.94
CA GLU A 159 -8.42 13.69 -21.86
C GLU A 159 -7.90 12.37 -22.42
N GLU A 160 -6.71 12.41 -23.03
CA GLU A 160 -6.29 11.28 -23.87
C GLU A 160 -6.22 9.95 -23.16
N PRO A 161 -5.70 9.83 -21.92
CA PRO A 161 -5.71 8.50 -21.28
C PRO A 161 -7.12 7.94 -21.08
N GLU A 162 -8.07 8.78 -20.71
CA GLU A 162 -9.44 8.31 -20.49
C GLU A 162 -10.12 8.00 -21.81
N LEU A 163 -9.91 8.83 -22.83
CA LEU A 163 -10.57 8.61 -24.11
C LEU A 163 -9.99 7.41 -24.85
N ALA A 164 -8.67 7.23 -24.79
CA ALA A 164 -8.06 6.07 -25.42
C ALA A 164 -8.50 4.77 -24.74
N ALA A 165 -8.72 4.81 -23.42
CA ALA A 165 -9.24 3.64 -22.72
C ALA A 165 -10.64 3.30 -23.22
N LEU A 166 -11.52 4.31 -23.31
CA LEU A 166 -12.84 4.09 -23.88
C LEU A 166 -12.76 3.67 -25.34
N LEU A 167 -11.72 4.13 -26.05
CA LEU A 167 -11.54 3.74 -27.45
C LEU A 167 -11.23 2.26 -27.57
N LYS A 168 -10.26 1.77 -26.77
CA LYS A 168 -9.80 0.40 -26.91
C LYS A 168 -10.88 -0.59 -26.52
N VAL A 169 -11.56 -0.34 -25.39
CA VAL A 169 -12.54 -1.30 -24.90
C VAL A 169 -13.70 -1.45 -25.87
N SER A 170 -14.06 -0.38 -26.58
CA SER A 170 -15.10 -0.49 -27.59
C SER A 170 -14.61 -1.22 -28.83
N MET A 171 -13.32 -1.09 -29.15
CA MET A 171 -12.76 -1.88 -30.25
C MET A 171 -12.62 -3.35 -29.86
N ASP A 172 -12.26 -3.61 -28.59
CA ASP A 172 -12.08 -4.99 -28.14
C ASP A 172 -13.39 -5.75 -28.12
N THR A 173 -14.51 -5.05 -27.95
CA THR A 173 -15.83 -5.68 -27.95
C THR A 173 -16.55 -5.54 -29.28
N LYS A 174 -15.84 -5.15 -30.34
CA LYS A 174 -16.41 -4.98 -31.68
C LYS A 174 -17.63 -4.05 -31.64
N ASN A 175 -17.39 -2.83 -31.19
CA ASN A 175 -18.42 -1.81 -31.02
C ASN A 175 -18.06 -0.62 -31.90
N ALA A 176 -18.23 -0.79 -33.23
CA ALA A 176 -17.75 0.20 -34.18
C ALA A 176 -18.43 1.56 -33.99
N ASP A 177 -19.68 1.58 -33.54
CA ASP A 177 -20.39 2.85 -33.37
C ASP A 177 -19.76 3.68 -32.26
N LYS A 178 -19.51 3.07 -31.11
CA LYS A 178 -18.90 3.80 -30.00
C LYS A 178 -17.48 4.23 -30.33
N VAL A 179 -16.77 3.46 -31.17
CA VAL A 179 -15.43 3.86 -31.58
C VAL A 179 -15.47 5.18 -32.34
N ASN A 180 -16.52 5.39 -33.14
CA ASN A 180 -16.55 6.55 -34.02
C ASN A 180 -16.81 7.84 -33.24
N LYS A 181 -17.76 7.81 -32.30
CA LYS A 181 -18.10 9.02 -31.55
C LYS A 181 -17.23 9.24 -30.32
N THR A 182 -16.55 8.21 -29.83
CA THR A 182 -15.48 8.45 -28.87
C THR A 182 -14.29 9.09 -29.54
N LEU A 183 -14.01 8.69 -30.79
CA LEU A 183 -12.95 9.33 -31.56
C LEU A 183 -13.30 10.76 -31.87
N GLN A 184 -14.58 11.04 -32.11
CA GLN A 184 -15.02 12.41 -32.30
C GLN A 184 -14.58 13.31 -31.17
N ARG A 185 -14.90 12.94 -29.93
CA ARG A 185 -14.50 13.78 -28.80
C ARG A 185 -12.99 13.82 -28.69
N LEU A 186 -12.33 12.70 -29.05
CA LEU A 186 -10.88 12.65 -29.04
C LEU A 186 -10.27 13.67 -30.00
N ARG A 187 -10.99 14.01 -31.07
CA ARG A 187 -10.50 14.97 -32.06
C ARG A 187 -10.75 16.42 -31.68
N ASP A 188 -11.65 16.67 -30.74
CA ASP A 188 -11.91 18.03 -30.28
C ASP A 188 -11.20 18.38 -28.98
N LEU A 189 -10.76 17.38 -28.22
CA LEU A 189 -10.18 17.61 -26.90
C LEU A 189 -8.66 17.69 -26.94
N VAL A 190 -7.99 16.73 -27.58
CA VAL A 190 -6.54 16.73 -27.71
C VAL A 190 -6.18 16.84 -29.19
N ARG A 191 -5.24 17.71 -29.50
CA ARG A 191 -4.81 17.96 -30.87
C ARG A 191 -3.59 17.13 -31.27
N GLN A 192 -2.66 16.91 -30.34
CA GLN A 192 -1.47 16.09 -30.58
C GLN A 192 -1.65 14.79 -29.80
N VAL A 193 -2.04 13.74 -30.51
CA VAL A 193 -2.30 12.45 -29.90
C VAL A 193 -0.99 11.67 -29.77
N SER A 194 -0.80 11.04 -28.61
CA SER A 194 0.41 10.27 -28.35
C SER A 194 0.56 9.13 -29.36
N LYS A 195 1.80 8.64 -29.47
CA LYS A 195 2.09 7.59 -30.44
C LYS A 195 1.33 6.30 -30.12
N SER A 196 1.24 5.95 -28.84
CA SER A 196 0.58 4.70 -28.45
C SER A 196 -0.88 4.70 -28.91
N THR A 197 -1.60 5.79 -28.69
CA THR A 197 -2.99 5.87 -29.12
C THR A 197 -3.11 6.05 -30.62
N GLN A 198 -2.16 6.76 -31.25
CA GLN A 198 -2.23 6.99 -32.68
C GLN A 198 -2.14 5.68 -33.46
N ASP A 199 -1.21 4.79 -33.07
CA ASP A 199 -1.13 3.48 -33.71
C ASP A 199 -2.39 2.68 -33.48
N MET A 200 -2.98 2.79 -32.29
CA MET A 200 -4.18 2.03 -31.97
C MET A 200 -5.34 2.39 -32.89
N ILE A 201 -5.42 3.66 -33.30
CA ILE A 201 -6.55 4.10 -34.11
C ILE A 201 -6.41 3.61 -35.55
N GLU A 202 -5.21 3.76 -36.12
CA GLU A 202 -5.03 3.37 -37.51
C GLU A 202 -4.99 1.85 -37.70
N GLU A 203 -4.68 1.09 -36.65
CA GLU A 203 -4.80 -0.35 -36.74
C GLU A 203 -6.25 -0.76 -36.93
N TRP A 204 -7.15 -0.14 -36.16
CA TRP A 204 -8.58 -0.44 -36.29
C TRP A 204 -9.15 0.13 -37.59
N GLN A 205 -8.60 1.24 -38.08
CA GLN A 205 -9.17 1.88 -39.27
C GLN A 205 -8.86 1.07 -40.53
N LYS A 206 -7.73 0.36 -40.55
CA LYS A 206 -7.38 -0.48 -41.69
C LYS A 206 -7.86 -1.92 -41.53
N SER A 207 -8.25 -2.33 -40.34
CA SER A 207 -8.70 -3.69 -40.08
C SER A 207 -9.97 -4.02 -40.86
N SER B 13 37.25 8.97 5.70
CA SER B 13 36.31 9.90 5.08
C SER B 13 35.40 9.25 4.02
N PRO B 14 35.96 8.58 3.00
CA PRO B 14 35.10 8.07 1.93
C PRO B 14 34.03 7.10 2.40
N GLU B 15 34.20 6.49 3.57
CA GLU B 15 33.15 5.65 4.14
C GLU B 15 32.15 6.49 4.91
N ALA B 16 32.64 7.43 5.72
CA ALA B 16 31.74 8.36 6.41
C ALA B 16 31.10 9.33 5.43
N LEU B 17 31.78 9.64 4.32
CA LEU B 17 31.20 10.52 3.32
C LEU B 17 29.97 9.90 2.69
N LEU B 18 30.02 8.61 2.37
CA LEU B 18 28.85 7.94 1.82
C LEU B 18 27.74 7.81 2.86
N LYS B 19 28.09 7.57 4.12
CA LYS B 19 27.09 7.45 5.16
C LYS B 19 26.19 8.68 5.21
N GLN B 20 26.79 9.87 5.31
CA GLN B 20 26.00 11.08 5.31
C GLN B 20 25.30 11.29 3.97
N LYS B 21 25.87 10.77 2.88
CA LYS B 21 25.18 10.83 1.60
C LYS B 21 24.07 9.78 1.53
N LEU B 22 24.30 8.60 2.11
CA LEU B 22 23.24 7.61 2.21
C LEU B 22 22.19 8.02 3.24
N ASP B 23 22.58 8.82 4.23
CA ASP B 23 21.63 9.31 5.22
C ASP B 23 20.58 10.21 4.59
N MET B 24 21.04 11.27 3.92
CA MET B 24 20.11 12.16 3.23
C MET B 24 19.35 11.45 2.13
N CYS B 25 19.92 10.37 1.58
CA CYS B 25 19.19 9.55 0.62
C CYS B 25 17.92 8.97 1.25
N SER B 26 18.04 8.47 2.49
CA SER B 26 16.89 7.90 3.18
C SER B 26 15.95 8.96 3.71
N LYS B 27 16.47 10.16 4.00
CA LYS B 27 15.61 11.25 4.47
C LYS B 27 14.60 11.68 3.42
N LYS B 28 14.91 11.44 2.14
CA LYS B 28 14.06 11.88 1.04
C LYS B 28 13.41 10.74 0.28
N GLY B 29 13.69 9.49 0.66
CA GLY B 29 13.18 8.36 -0.10
C GLY B 29 13.76 8.26 -1.49
N ASP B 30 14.97 8.78 -1.69
CA ASP B 30 15.64 8.79 -2.99
C ASP B 30 16.30 7.43 -3.20
N VAL B 31 15.54 6.49 -3.76
CA VAL B 31 16.03 5.11 -3.88
C VAL B 31 17.02 4.99 -5.03
N LEU B 32 16.77 5.65 -6.15
CA LEU B 32 17.67 5.53 -7.29
C LEU B 32 19.03 6.14 -6.99
N GLU B 33 19.06 7.22 -6.21
CA GLU B 33 20.33 7.81 -5.82
C GLU B 33 21.06 6.94 -4.80
N ALA B 34 20.33 6.25 -3.94
CA ALA B 34 20.96 5.34 -3.00
C ALA B 34 21.61 4.17 -3.73
N LEU B 35 20.95 3.64 -4.77
CA LEU B 35 21.54 2.54 -5.53
C LEU B 35 22.77 3.00 -6.30
N ARG B 36 22.68 4.15 -6.96
CA ARG B 36 23.83 4.70 -7.68
C ARG B 36 25.00 4.95 -6.73
N LEU B 37 24.71 5.28 -5.47
CA LEU B 37 25.78 5.47 -4.49
C LEU B 37 26.37 4.14 -4.06
N TYR B 38 25.53 3.10 -3.96
CA TYR B 38 26.02 1.79 -3.54
C TYR B 38 26.80 1.11 -4.67
N ASP B 39 26.35 1.28 -5.92
CA ASP B 39 27.09 0.72 -7.05
C ASP B 39 28.44 1.40 -7.20
N GLU B 40 28.48 2.73 -7.06
CA GLU B 40 29.75 3.45 -7.10
C GLU B 40 30.63 3.05 -5.92
N ALA B 41 30.03 2.71 -4.78
CA ALA B 41 30.80 2.33 -3.60
C ALA B 41 31.57 1.04 -3.84
N ARG B 42 30.87 0.01 -4.31
CA ARG B 42 31.51 -1.29 -4.55
C ARG B 42 32.58 -1.18 -5.63
N ARG B 43 32.25 -0.47 -6.72
CA ARG B 43 33.23 -0.26 -7.79
C ARG B 43 34.50 0.42 -7.29
N ASN B 44 34.37 1.29 -6.30
CA ASN B 44 35.50 2.07 -5.81
C ASN B 44 36.21 1.44 -4.62
N GLY B 45 35.68 0.33 -4.09
CA GLY B 45 36.35 -0.33 -2.98
C GLY B 45 36.09 0.27 -1.62
N VAL B 46 34.90 0.83 -1.41
CA VAL B 46 34.50 1.35 -0.11
C VAL B 46 33.86 0.22 0.66
N GLN B 47 34.50 -0.23 1.73
CA GLN B 47 33.97 -1.33 2.52
C GLN B 47 32.77 -0.83 3.33
N LEU B 48 31.58 -1.31 2.96
CA LEU B 48 30.36 -0.88 3.63
C LEU B 48 30.22 -1.58 4.98
N SER B 49 29.66 -0.87 5.95
CA SER B 49 29.42 -1.40 7.27
C SER B 49 27.94 -1.77 7.42
N GLN B 50 27.60 -2.32 8.58
CA GLN B 50 26.23 -2.78 8.83
C GLN B 50 25.23 -1.63 8.72
N TYR B 51 25.65 -0.41 9.07
CA TYR B 51 24.76 0.74 8.96
C TYR B 51 24.50 1.12 7.51
N HIS B 52 25.52 1.01 6.66
CA HIS B 52 25.36 1.32 5.24
C HIS B 52 24.32 0.42 4.60
N TYR B 53 24.39 -0.89 4.89
CA TYR B 53 23.51 -1.86 4.27
C TYR B 53 22.10 -1.77 4.82
N ASN B 54 21.97 -1.49 6.12
CA ASN B 54 20.64 -1.38 6.72
C ASN B 54 19.84 -0.23 6.11
N VAL B 55 20.51 0.89 5.85
CA VAL B 55 19.82 2.02 5.21
C VAL B 55 19.41 1.67 3.79
N LEU B 56 20.29 0.99 3.05
CA LEU B 56 19.95 0.60 1.69
C LEU B 56 18.79 -0.38 1.65
N LEU B 57 18.77 -1.33 2.59
CA LEU B 57 17.67 -2.30 2.62
C LEU B 57 16.35 -1.63 2.97
N TYR B 58 16.37 -0.60 3.81
CA TYR B 58 15.15 0.13 4.12
C TYR B 58 14.68 0.96 2.94
N VAL B 59 15.61 1.61 2.26
CA VAL B 59 15.26 2.47 1.13
C VAL B 59 14.63 1.64 0.01
N CYS B 60 15.12 0.42 -0.18
CA CYS B 60 14.58 -0.48 -1.21
C CYS B 60 13.18 -0.99 -0.88
N SER B 61 12.69 -0.76 0.34
CA SER B 61 11.37 -1.25 0.73
C SER B 61 10.27 -0.22 0.52
N LEU B 62 10.60 1.03 0.22
CA LEU B 62 9.59 2.05 0.03
C LEU B 62 8.82 1.82 -1.27
N ALA B 63 7.53 2.14 -1.23
CA ALA B 63 6.61 1.77 -2.30
C ALA B 63 6.57 2.82 -3.40
N SER B 64 6.35 2.33 -4.63
CA SER B 64 6.12 3.14 -5.84
C SER B 64 6.79 4.52 -5.84
N SER B 67 6.23 3.38 -10.04
CA SER B 67 7.12 2.23 -10.11
C SER B 67 8.42 2.50 -9.34
N ASN B 68 9.19 1.44 -9.08
CA ASN B 68 10.43 1.54 -8.33
C ASN B 68 11.33 0.39 -8.73
N PRO B 69 12.65 0.56 -8.63
CA PRO B 69 13.56 -0.55 -8.90
C PRO B 69 14.18 -1.13 -7.64
N GLY B 70 13.80 -0.59 -6.48
CA GLY B 70 14.45 -0.97 -5.24
C GLY B 70 14.22 -2.41 -4.83
N LEU B 71 13.03 -2.95 -5.13
CA LEU B 71 12.71 -4.30 -4.68
C LEU B 71 13.57 -5.34 -5.37
N SER B 72 14.01 -5.08 -6.61
CA SER B 72 14.87 -6.04 -7.31
C SER B 72 16.27 -6.05 -6.70
N ARG B 73 16.90 -4.87 -6.61
CA ARG B 73 18.22 -4.76 -5.99
C ARG B 73 18.19 -5.04 -4.49
N GLY B 74 17.00 -5.09 -3.89
CA GLY B 74 16.92 -5.26 -2.44
C GLY B 74 17.59 -6.54 -1.98
N PHE B 75 17.33 -7.65 -2.67
CA PHE B 75 17.89 -8.91 -2.21
C PHE B 75 19.34 -9.08 -2.65
N ASP B 76 19.66 -8.68 -3.89
CA ASP B 76 21.06 -8.67 -4.31
C ASP B 76 21.94 -7.95 -3.29
N ILE B 77 21.43 -6.85 -2.73
CA ILE B 77 22.14 -6.15 -1.66
C ILE B 77 22.24 -7.03 -0.42
N PHE B 78 21.15 -7.73 -0.07
CA PHE B 78 21.18 -8.59 1.10
C PHE B 78 22.16 -9.74 0.91
N LYS B 79 22.13 -10.38 -0.25
CA LYS B 79 22.99 -11.53 -0.51
C LYS B 79 24.46 -11.13 -0.62
N GLN B 80 24.74 -9.92 -1.08
CA GLN B 80 26.12 -9.46 -1.15
C GLN B 80 26.69 -9.16 0.23
N MET B 81 25.83 -8.74 1.17
CA MET B 81 26.25 -8.58 2.55
C MET B 81 26.77 -9.88 3.14
N ILE B 82 26.15 -11.01 2.78
CA ILE B 82 26.65 -12.30 3.24
C ILE B 82 28.04 -12.55 2.66
N VAL B 83 28.27 -12.15 1.41
CA VAL B 83 29.56 -12.33 0.77
C VAL B 83 30.61 -11.46 1.45
N ASP B 84 30.25 -10.23 1.82
CA ASP B 84 31.20 -9.25 2.33
C ASP B 84 31.55 -9.47 3.80
N LYS B 85 30.93 -10.46 4.47
CA LYS B 85 31.29 -10.84 5.84
C LYS B 85 31.03 -9.71 6.83
N VAL B 86 29.94 -8.97 6.63
CA VAL B 86 29.46 -7.99 7.59
C VAL B 86 28.30 -8.62 8.36
N VAL B 87 28.30 -8.45 9.68
CA VAL B 87 27.37 -9.13 10.56
C VAL B 87 26.04 -8.38 10.61
N PRO B 88 24.91 -9.07 10.52
CA PRO B 88 23.62 -8.39 10.59
C PRO B 88 23.20 -8.08 12.03
N ASN B 89 22.23 -7.18 12.14
CA ASN B 89 21.52 -6.93 13.40
C ASN B 89 20.07 -7.37 13.25
N GLU B 90 19.20 -6.84 14.12
CA GLU B 90 17.77 -7.16 13.98
C GLU B 90 17.14 -6.34 12.88
N ALA B 91 17.54 -5.08 12.73
CA ALA B 91 16.98 -4.24 11.67
C ALA B 91 17.32 -4.79 10.30
N THR B 92 18.45 -5.48 10.19
CA THR B 92 18.81 -6.14 8.94
C THR B 92 17.78 -7.20 8.58
N PHE B 93 17.49 -8.11 9.51
CA PHE B 93 16.53 -9.17 9.25
C PHE B 93 15.11 -8.62 9.16
N THR B 94 14.82 -7.53 9.88
CA THR B 94 13.53 -6.88 9.75
C THR B 94 13.35 -6.27 8.37
N ASN B 95 14.34 -5.50 7.92
CA ASN B 95 14.27 -4.90 6.59
C ASN B 95 14.21 -5.97 5.51
N GLY B 96 15.01 -7.02 5.64
CA GLY B 96 14.94 -8.12 4.69
C GLY B 96 13.59 -8.81 4.72
N ALA B 97 12.97 -8.91 5.90
CA ALA B 97 11.64 -9.49 5.99
C ALA B 97 10.62 -8.63 5.28
N ARG B 98 10.73 -7.30 5.41
CA ARG B 98 9.84 -6.41 4.68
C ARG B 98 9.98 -6.58 3.18
N LEU B 99 11.21 -6.82 2.71
CA LEU B 99 11.42 -7.04 1.28
C LEU B 99 10.84 -8.38 0.84
N ALA B 100 10.96 -9.41 1.67
CA ALA B 100 10.46 -10.73 1.30
C ALA B 100 8.95 -10.74 1.16
N VAL B 101 8.24 -10.00 2.00
CA VAL B 101 6.79 -9.96 1.91
C VAL B 101 6.32 -9.09 0.74
N ALA B 102 7.16 -8.13 0.29
CA ALA B 102 6.79 -7.32 -0.86
C ALA B 102 6.87 -8.13 -2.15
N LYS B 103 7.71 -9.17 -2.18
CA LYS B 103 7.78 -10.09 -3.30
C LYS B 103 6.80 -11.25 -3.16
N ASP B 104 5.78 -11.11 -2.30
CA ASP B 104 4.76 -12.13 -2.08
C ASP B 104 5.38 -13.44 -1.59
N ASP B 105 6.33 -13.34 -0.68
CA ASP B 105 7.03 -14.49 -0.10
C ASP B 105 6.98 -14.40 1.41
N PRO B 106 5.82 -14.68 2.02
CA PRO B 106 5.72 -14.57 3.47
C PRO B 106 6.53 -15.62 4.22
N GLU B 107 6.72 -16.81 3.66
CA GLU B 107 7.55 -17.82 4.33
C GLU B 107 8.98 -17.31 4.51
N MET B 108 9.61 -16.87 3.42
CA MET B 108 10.95 -16.30 3.53
C MET B 108 11.00 -15.18 4.55
N ALA B 109 9.93 -14.39 4.65
CA ALA B 109 9.86 -13.37 5.69
C ALA B 109 9.88 -14.00 7.07
N PHE B 110 9.22 -15.14 7.24
CA PHE B 110 9.27 -15.86 8.52
C PHE B 110 10.67 -16.42 8.76
N ASP B 111 11.29 -17.00 7.74
CA ASP B 111 12.64 -17.53 7.89
C ASP B 111 13.68 -16.45 8.14
N MET B 112 13.35 -15.19 7.85
CA MET B 112 14.21 -14.09 8.26
C MET B 112 14.29 -14.00 9.78
N VAL B 113 13.16 -14.18 10.46
CA VAL B 113 13.14 -14.05 11.91
C VAL B 113 13.81 -15.24 12.58
N LYS B 114 13.69 -16.43 11.99
CA LYS B 114 14.37 -17.60 12.53
C LYS B 114 15.89 -17.52 12.38
N GLN B 115 16.38 -16.72 11.43
CA GLN B 115 17.81 -16.52 11.30
C GLN B 115 18.40 -15.73 12.46
N MET B 116 17.58 -14.95 13.17
CA MET B 116 18.11 -14.09 14.23
C MET B 116 18.70 -14.91 15.37
N LYS B 117 18.09 -16.04 15.71
CA LYS B 117 18.57 -16.84 16.83
C LYS B 117 20.01 -17.31 16.61
N ALA B 118 20.37 -17.63 15.36
CA ALA B 118 21.71 -18.11 15.06
C ALA B 118 22.78 -17.07 15.36
N PHE B 119 22.42 -15.78 15.36
CA PHE B 119 23.36 -14.71 15.64
C PHE B 119 23.14 -14.08 17.01
N GLY B 120 22.35 -14.72 17.86
CA GLY B 120 22.07 -14.15 19.16
C GLY B 120 21.19 -12.92 19.14
N ILE B 121 20.47 -12.70 18.06
CA ILE B 121 19.64 -11.52 17.89
C ILE B 121 18.23 -11.83 18.41
N GLN B 122 17.65 -10.86 19.15
CA GLN B 122 16.29 -11.02 19.64
C GLN B 122 15.34 -10.21 18.77
N PRO B 123 14.27 -10.82 18.25
CA PRO B 123 13.37 -10.09 17.34
C PRO B 123 12.56 -9.04 18.07
N ARG B 124 11.96 -8.16 17.27
CA ARG B 124 11.05 -7.13 17.75
C ARG B 124 9.68 -7.34 17.12
N LEU B 125 8.74 -6.48 17.49
CA LEU B 125 7.40 -6.56 16.89
C LEU B 125 7.45 -6.24 15.41
N ARG B 126 8.32 -5.31 15.00
CA ARG B 126 8.45 -4.96 13.60
C ARG B 126 9.07 -6.07 12.77
N SER B 127 9.65 -7.09 13.39
CA SER B 127 10.19 -8.22 12.65
C SER B 127 9.13 -9.25 12.29
N TYR B 128 8.04 -9.32 13.04
CA TYR B 128 6.99 -10.30 12.78
C TYR B 128 5.88 -9.77 11.89
N GLY B 129 5.80 -8.46 11.71
CA GLY B 129 4.80 -7.86 10.86
C GLY B 129 4.72 -8.45 9.47
N PRO B 130 5.83 -8.41 8.72
CA PRO B 130 5.81 -8.96 7.35
C PRO B 130 5.30 -10.40 7.26
N ALA B 131 5.81 -11.30 8.09
CA ALA B 131 5.42 -12.70 7.97
C ALA B 131 3.99 -12.93 8.40
N LEU B 132 3.56 -12.31 9.51
CA LEU B 132 2.22 -12.57 10.03
C LEU B 132 1.16 -11.91 9.16
N PHE B 133 1.37 -10.65 8.78
CA PHE B 133 0.41 -9.97 7.92
C PHE B 133 0.34 -10.61 6.54
N GLY B 134 1.49 -11.04 6.02
CA GLY B 134 1.49 -11.72 4.73
C GLY B 134 0.78 -13.04 4.76
N PHE B 135 0.97 -13.81 5.84
CA PHE B 135 0.28 -15.09 5.97
C PHE B 135 -1.22 -14.93 6.15
N CYS B 136 -1.63 -13.84 6.81
CA CYS B 136 -3.06 -13.66 7.10
C CYS B 136 -3.83 -13.27 5.85
N ARG B 137 -3.28 -12.38 5.03
CA ARG B 137 -3.97 -12.01 3.79
C ARG B 137 -3.96 -13.14 2.77
N LYS B 138 -3.02 -14.08 2.89
CA LYS B 138 -3.05 -15.30 2.10
C LYS B 138 -4.05 -16.32 2.65
N GLY B 139 -4.67 -16.04 3.80
CA GLY B 139 -5.64 -16.94 4.38
C GLY B 139 -5.06 -18.17 5.05
N ASP B 140 -3.73 -18.27 5.15
CA ASP B 140 -3.09 -19.43 5.77
C ASP B 140 -3.08 -19.23 7.28
N ALA B 141 -4.08 -19.81 7.95
CA ALA B 141 -4.20 -19.64 9.40
C ALA B 141 -3.11 -20.40 10.15
N ASP B 142 -2.80 -21.62 9.70
CA ASP B 142 -1.83 -22.45 10.42
C ASP B 142 -0.44 -21.81 10.38
N LYS B 143 -0.08 -21.19 9.26
CA LYS B 143 1.20 -20.49 9.18
C LYS B 143 1.20 -19.23 10.04
N ALA B 144 0.07 -18.50 10.04
CA ALA B 144 -0.04 -17.33 10.90
C ALA B 144 0.04 -17.73 12.37
N TYR B 145 -0.63 -18.82 12.74
CA TYR B 145 -0.52 -19.33 14.10
C TYR B 145 0.92 -19.71 14.43
N GLU B 146 1.67 -20.19 13.43
CA GLU B 146 3.09 -20.50 13.66
C GLU B 146 3.88 -19.23 13.98
N VAL B 147 3.62 -18.14 13.25
CA VAL B 147 4.33 -16.89 13.50
C VAL B 147 4.01 -16.36 14.88
N ASP B 148 2.73 -16.37 15.26
CA ASP B 148 2.35 -15.87 16.57
C ASP B 148 2.96 -16.73 17.67
N ALA B 149 3.05 -18.04 17.45
CA ALA B 149 3.67 -18.92 18.43
C ALA B 149 5.14 -18.57 18.63
N HIS B 150 5.87 -18.39 17.53
CA HIS B 150 7.26 -17.94 17.62
C HIS B 150 7.36 -16.58 18.29
N MET B 151 6.37 -15.72 18.06
CA MET B 151 6.38 -14.39 18.66
C MET B 151 6.18 -14.47 20.17
N VAL B 152 5.18 -15.25 20.61
CA VAL B 152 4.87 -15.33 22.04
C VAL B 152 6.04 -15.92 22.81
N GLU B 153 6.69 -16.95 22.26
CA GLU B 153 7.80 -17.57 22.95
C GLU B 153 9.07 -16.73 22.87
N SER B 154 9.18 -15.84 21.88
CA SER B 154 10.23 -14.83 21.92
C SER B 154 9.86 -13.68 22.83
N GLU B 155 8.73 -13.77 23.52
CA GLU B 155 8.26 -12.77 24.47
C GLU B 155 8.17 -11.39 23.82
N VAL B 156 7.48 -11.34 22.70
CA VAL B 156 7.22 -10.10 21.98
C VAL B 156 5.72 -9.86 21.97
N VAL B 157 5.30 -8.77 22.61
CA VAL B 157 3.88 -8.49 22.76
C VAL B 157 3.43 -7.62 21.58
N PRO B 158 2.35 -7.96 20.91
CA PRO B 158 1.96 -7.18 19.74
C PRO B 158 0.94 -6.13 20.10
N GLU B 159 0.40 -5.48 19.09
CA GLU B 159 -0.66 -4.50 19.25
C GLU B 159 -1.88 -4.94 18.44
N GLU B 160 -2.93 -4.13 18.48
CA GLU B 160 -4.21 -4.53 17.89
C GLU B 160 -4.12 -4.92 16.41
N PRO B 161 -3.35 -4.23 15.55
CA PRO B 161 -3.28 -4.67 14.13
C PRO B 161 -2.98 -6.14 13.93
N GLU B 162 -1.92 -6.67 14.57
CA GLU B 162 -1.60 -8.08 14.39
C GLU B 162 -2.65 -8.98 15.04
N LEU B 163 -3.19 -8.57 16.18
CA LEU B 163 -4.24 -9.35 16.83
C LEU B 163 -5.54 -9.33 16.03
N ALA B 164 -5.84 -8.21 15.38
CA ALA B 164 -7.02 -8.16 14.52
C ALA B 164 -6.81 -9.00 13.26
N ALA B 165 -5.60 -9.00 12.72
CA ALA B 165 -5.28 -9.90 11.61
C ALA B 165 -5.43 -11.36 12.04
N LEU B 166 -4.97 -11.68 13.26
CA LEU B 166 -5.14 -13.03 13.78
C LEU B 166 -6.62 -13.39 13.93
N LEU B 167 -7.43 -12.45 14.41
CA LEU B 167 -8.85 -12.73 14.61
C LEU B 167 -9.55 -12.99 13.28
N LYS B 168 -9.21 -12.22 12.24
CA LYS B 168 -9.86 -12.38 10.95
C LYS B 168 -9.59 -13.78 10.38
N VAL B 169 -8.32 -14.19 10.34
CA VAL B 169 -7.98 -15.49 9.81
C VAL B 169 -8.53 -16.62 10.67
N SER B 170 -8.82 -16.36 11.94
CA SER B 170 -9.44 -17.37 12.78
C SER B 170 -10.93 -17.48 12.53
N MET B 171 -11.58 -16.38 12.13
CA MET B 171 -13.00 -16.42 11.81
C MET B 171 -13.23 -16.92 10.38
N ASP B 172 -12.36 -16.54 9.44
CA ASP B 172 -12.49 -17.01 8.07
C ASP B 172 -12.34 -18.53 7.98
N THR B 173 -11.62 -19.14 8.92
CA THR B 173 -11.48 -20.59 8.99
C THR B 173 -12.35 -21.21 10.08
N LYS B 174 -13.19 -20.40 10.75
CA LYS B 174 -14.18 -20.90 11.70
C LYS B 174 -13.55 -21.71 12.83
N ASN B 175 -12.37 -21.28 13.29
CA ASN B 175 -11.73 -21.86 14.46
C ASN B 175 -12.30 -21.10 15.65
N ALA B 176 -13.28 -21.70 16.33
CA ALA B 176 -13.88 -21.02 17.47
C ALA B 176 -12.89 -20.89 18.61
N ASP B 177 -11.94 -21.83 18.72
CA ASP B 177 -10.99 -21.81 19.82
C ASP B 177 -10.09 -20.58 19.74
N LYS B 178 -9.40 -20.40 18.61
CA LYS B 178 -8.56 -19.21 18.43
C LYS B 178 -9.37 -17.92 18.46
N VAL B 179 -10.66 -17.98 18.12
CA VAL B 179 -11.51 -16.81 18.24
C VAL B 179 -11.69 -16.42 19.71
N ASN B 180 -11.90 -17.42 20.56
CA ASN B 180 -12.08 -17.15 21.99
C ASN B 180 -10.82 -16.53 22.59
N LYS B 181 -9.64 -17.06 22.26
CA LYS B 181 -8.41 -16.58 22.87
C LYS B 181 -8.02 -15.22 22.32
N THR B 182 -7.99 -15.07 21.00
CA THR B 182 -7.65 -13.79 20.39
C THR B 182 -8.61 -12.69 20.84
N LEU B 183 -9.86 -13.03 21.10
CA LEU B 183 -10.79 -12.07 21.68
C LEU B 183 -10.32 -11.59 23.04
N GLN B 184 -9.75 -12.50 23.85
CA GLN B 184 -9.35 -12.13 25.20
C GLN B 184 -8.09 -11.29 25.20
N ARG B 185 -7.12 -11.62 24.34
CA ARG B 185 -5.93 -10.78 24.24
C ARG B 185 -6.25 -9.41 23.68
N LEU B 186 -7.34 -9.28 22.92
CA LEU B 186 -7.74 -7.98 22.42
C LEU B 186 -8.20 -7.07 23.55
N ARG B 187 -9.04 -7.60 24.45
CA ARG B 187 -9.43 -6.83 25.63
C ARG B 187 -8.33 -6.78 26.67
N ASP B 188 -7.26 -7.55 26.51
CA ASP B 188 -6.10 -7.42 27.38
C ASP B 188 -5.30 -6.16 27.10
N LEU B 189 -5.60 -5.46 25.99
CA LEU B 189 -4.93 -4.20 25.69
C LEU B 189 -5.48 -3.04 26.51
N VAL B 190 -6.64 -3.20 27.14
CA VAL B 190 -7.26 -2.22 28.03
C VAL B 190 -7.49 -0.89 27.30
N ARG B 191 -7.71 -0.97 25.98
CA ARG B 191 -8.04 0.20 25.18
C ARG B 191 -9.07 -0.20 24.13
N GLN B 192 -10.02 0.71 23.86
CA GLN B 192 -11.11 0.41 22.95
C GLN B 192 -10.57 0.07 21.56
N VAL B 193 -11.12 -0.99 20.96
CA VAL B 193 -10.64 -1.46 19.67
C VAL B 193 -11.13 -0.54 18.56
N SER B 194 -10.48 -0.65 17.40
CA SER B 194 -10.80 0.17 16.26
C SER B 194 -12.18 -0.17 15.71
N LYS B 195 -12.71 0.74 14.89
CA LYS B 195 -14.03 0.52 14.29
C LYS B 195 -14.03 -0.72 13.41
N SER B 196 -12.92 -0.97 12.71
CA SER B 196 -12.83 -2.17 11.88
C SER B 196 -12.85 -3.44 12.72
N THR B 197 -12.11 -3.45 13.83
CA THR B 197 -12.11 -4.60 14.71
C THR B 197 -13.48 -4.78 15.37
N GLN B 198 -14.15 -3.68 15.71
CA GLN B 198 -15.47 -3.77 16.31
C GLN B 198 -16.48 -4.35 15.33
N ASP B 199 -16.47 -3.87 14.08
CA ASP B 199 -17.35 -4.42 13.07
C ASP B 199 -17.05 -5.89 12.82
N MET B 200 -15.75 -6.23 12.73
CA MET B 200 -15.35 -7.62 12.50
C MET B 200 -15.95 -8.55 13.54
N ILE B 201 -16.02 -8.10 14.80
CA ILE B 201 -16.61 -8.91 15.85
C ILE B 201 -18.13 -8.95 15.74
N GLU B 202 -18.74 -7.82 15.37
CA GLU B 202 -20.19 -7.73 15.41
C GLU B 202 -20.87 -8.60 14.34
N GLU B 203 -20.24 -8.75 13.18
CA GLU B 203 -20.79 -9.64 12.16
C GLU B 203 -20.67 -11.09 12.60
N TRP B 204 -19.51 -11.45 13.16
CA TRP B 204 -19.30 -12.83 13.62
C TRP B 204 -20.42 -13.27 14.55
N GLN B 205 -20.94 -12.36 15.37
CA GLN B 205 -22.06 -12.70 16.24
C GLN B 205 -23.38 -12.74 15.48
N LYS B 206 -23.47 -12.00 14.37
CA LYS B 206 -24.72 -11.92 13.62
C LYS B 206 -24.87 -13.00 12.55
N SER B 207 -23.77 -13.60 12.09
CA SER B 207 -23.85 -14.65 11.10
C SER B 207 -24.29 -15.97 11.72
#